data_3WXA
#
_entry.id   3WXA
#
_cell.length_a   81.973
_cell.length_b   81.973
_cell.length_c   103.232
_cell.angle_alpha   90.00
_cell.angle_beta   90.00
_cell.angle_gamma   120.00
#
_symmetry.space_group_name_H-M   'P 64'
#
loop_
_entity.id
_entity.type
_entity.pdbx_description
1 polymer 'Programmed cell death protein 6'
2 polymer 'Protein transport protein Sec31A'
3 non-polymer 'ZINC ION'
4 water water
#
loop_
_entity_poly.entity_id
_entity_poly.type
_entity_poly.pdbx_seq_one_letter_code
_entity_poly.pdbx_strand_id
1 'polypeptide(L)'
;AALPDQSFLWNVFQRVDKDRSGVISDTELQQALSNGTWTPFNPVTVRSIISMFDRENKAGVNFSEFTGVWKYITDWQNVF
RTYDRDNSGMIDKNELKQALSGFGYRLSDQFHDILIRKFDRQGRGQIAFDDFIQGCIVLQRLTDIFRRYDTDQDGWIQVS
YEQYLSMVFSIV
;
A,B
2 'polypeptide(L)' NPPPPGFIMHGN C,D
#
# COMPACT_ATOMS: atom_id res chain seq x y z
N GLN A 6 -33.13 17.30 13.28
CA GLN A 6 -33.04 18.23 12.16
C GLN A 6 -32.01 19.32 12.44
N SER A 7 -31.98 19.78 13.69
CA SER A 7 -31.00 20.76 14.14
C SER A 7 -29.94 20.08 15.00
N PHE A 8 -30.28 18.90 15.49
CA PHE A 8 -29.33 18.09 16.26
C PHE A 8 -28.12 17.72 15.40
N LEU A 9 -28.40 17.16 14.22
CA LEU A 9 -27.37 16.83 13.25
C LEU A 9 -26.72 18.11 12.73
N TRP A 10 -27.46 19.21 12.80
CA TRP A 10 -27.03 20.49 12.27
C TRP A 10 -26.13 21.25 13.24
N ASN A 11 -26.40 21.11 14.53
CA ASN A 11 -25.60 21.79 15.55
C ASN A 11 -24.36 20.96 15.92
N VAL A 12 -24.26 19.77 15.36
CA VAL A 12 -23.03 18.99 15.47
C VAL A 12 -22.09 19.43 14.35
N PHE A 13 -22.67 19.66 13.18
CA PHE A 13 -21.93 20.12 12.01
C PHE A 13 -21.25 21.46 12.25
N GLN A 14 -21.92 22.35 12.97
CA GLN A 14 -21.38 23.69 13.25
C GLN A 14 -20.17 23.64 14.16
N ARG A 15 -20.29 22.88 15.25
CA ARG A 15 -19.24 22.82 16.26
C ARG A 15 -17.97 22.16 15.73
N VAL A 16 -18.10 21.44 14.63
CA VAL A 16 -16.95 20.79 13.99
C VAL A 16 -16.39 21.67 12.87
N ASP A 17 -17.21 22.57 12.35
CA ASP A 17 -16.76 23.50 11.32
C ASP A 17 -16.15 24.75 11.94
N LYS A 18 -14.81 24.80 11.94
CA LYS A 18 -14.10 25.89 12.60
C LYS A 18 -14.02 27.17 11.75
N ASP A 19 -13.59 27.01 10.51
CA ASP A 19 -13.40 28.17 9.62
C ASP A 19 -14.73 28.66 9.05
N ARG A 20 -15.81 27.97 9.40
CA ARG A 20 -17.16 28.36 9.02
C ARG A 20 -17.35 28.49 7.52
N SER A 21 -16.60 27.71 6.75
CA SER A 21 -16.69 27.74 5.30
C SER A 21 -17.93 27.00 4.81
N GLY A 22 -18.47 26.15 5.66
CA GLY A 22 -19.63 25.34 5.30
C GLY A 22 -19.22 23.93 4.94
N VAL A 23 -17.92 23.66 5.01
CA VAL A 23 -17.38 22.35 4.69
C VAL A 23 -16.47 21.84 5.81
N ILE A 24 -16.76 20.65 6.32
CA ILE A 24 -15.89 20.04 7.33
C ILE A 24 -14.63 19.50 6.69
N SER A 25 -13.51 20.19 6.92
CA SER A 25 -12.23 19.78 6.37
C SER A 25 -11.70 18.53 7.07
N ASP A 26 -10.68 17.92 6.49
CA ASP A 26 -10.05 16.73 7.08
C ASP A 26 -9.47 17.04 8.45
N THR A 27 -8.84 18.21 8.57
CA THR A 27 -8.23 18.63 9.83
C THR A 27 -9.29 18.92 10.89
N GLU A 28 -10.40 19.53 10.45
CA GLU A 28 -11.48 19.89 11.35
C GLU A 28 -12.11 18.67 12.01
N LEU A 29 -12.46 17.68 11.20
CA LEU A 29 -13.08 16.47 11.70
C LEU A 29 -12.11 15.69 12.59
N GLN A 30 -10.83 15.77 12.27
CA GLN A 30 -9.81 15.05 13.02
C GLN A 30 -9.72 15.52 14.47
N GLN A 31 -9.47 16.81 14.66
CA GLN A 31 -9.28 17.34 16.01
C GLN A 31 -10.62 17.58 16.72
N ALA A 32 -11.71 17.21 16.07
CA ALA A 32 -13.01 17.21 16.71
C ALA A 32 -13.40 15.78 17.06
N LEU A 33 -12.50 14.85 16.78
CA LEU A 33 -12.75 13.45 17.05
C LEU A 33 -11.81 12.93 18.12
N SER A 34 -12.25 11.91 18.85
CA SER A 34 -11.43 11.29 19.88
C SER A 34 -11.23 9.80 19.60
N ASN A 35 -9.98 9.37 19.71
CA ASN A 35 -9.67 7.94 19.71
C ASN A 35 -9.71 7.44 21.15
N GLY A 36 -9.76 8.37 22.09
CA GLY A 36 -9.88 8.06 23.50
C GLY A 36 -8.54 7.90 24.20
N THR A 37 -7.47 8.36 23.54
CA THR A 37 -6.12 8.20 24.09
C THR A 37 -5.33 9.51 24.10
N TRP A 38 -6.02 10.62 23.82
CA TRP A 38 -5.41 11.95 23.75
C TRP A 38 -4.38 12.08 22.62
N THR A 39 -4.18 11.01 21.86
CA THR A 39 -3.38 11.07 20.65
C THR A 39 -4.29 11.45 19.50
N PRO A 40 -3.75 12.17 18.50
CA PRO A 40 -4.55 12.62 17.35
C PRO A 40 -5.29 11.46 16.67
N PHE A 41 -6.56 11.69 16.36
CA PHE A 41 -7.37 10.71 15.65
C PHE A 41 -6.68 10.34 14.35
N ASN A 42 -6.65 9.04 14.04
CA ASN A 42 -5.96 8.53 12.86
C ASN A 42 -6.38 9.27 11.59
N PRO A 43 -5.44 10.05 11.02
CA PRO A 43 -5.72 10.85 9.82
C PRO A 43 -6.09 9.98 8.63
N VAL A 44 -5.52 8.78 8.56
CA VAL A 44 -5.87 7.82 7.53
C VAL A 44 -7.33 7.40 7.66
N THR A 45 -7.75 7.21 8.92
CA THR A 45 -9.14 6.90 9.20
C THR A 45 -10.04 8.07 8.82
N VAL A 46 -9.62 9.28 9.18
CA VAL A 46 -10.37 10.49 8.86
C VAL A 46 -10.50 10.68 7.35
N ARG A 47 -9.39 10.55 6.64
CA ARG A 47 -9.36 10.69 5.19
C ARG A 47 -10.33 9.71 4.52
N SER A 48 -10.43 8.51 5.09
CA SER A 48 -11.30 7.48 4.53
C SER A 48 -12.77 7.82 4.69
N ILE A 49 -13.17 8.21 5.91
CA ILE A 49 -14.55 8.55 6.19
C ILE A 49 -14.99 9.77 5.39
N ILE A 50 -14.06 10.69 5.16
CA ILE A 50 -14.34 11.88 4.37
C ILE A 50 -14.59 11.53 2.91
N SER A 51 -13.62 10.84 2.30
CA SER A 51 -13.70 10.48 0.88
C SER A 51 -14.85 9.51 0.59
N MET A 52 -15.34 8.85 1.62
CA MET A 52 -16.48 7.96 1.48
C MET A 52 -17.77 8.75 1.28
N PHE A 53 -17.83 9.93 1.88
CA PHE A 53 -19.04 10.76 1.82
C PHE A 53 -18.78 12.10 1.13
N ASP A 54 -17.58 12.25 0.57
CA ASP A 54 -17.29 13.40 -0.26
C ASP A 54 -17.63 13.09 -1.71
N ARG A 55 -18.53 13.87 -2.29
CA ARG A 55 -19.07 13.56 -3.61
C ARG A 55 -18.68 14.56 -4.70
N GLU A 56 -18.02 15.65 -4.30
CA GLU A 56 -17.56 16.64 -5.27
C GLU A 56 -16.07 16.95 -5.14
N ASN A 57 -15.32 15.98 -4.63
CA ASN A 57 -13.86 16.08 -4.55
C ASN A 57 -13.34 17.22 -3.67
N LYS A 58 -14.25 17.91 -2.98
CA LYS A 58 -13.85 19.04 -2.14
C LYS A 58 -13.08 18.66 -0.88
N ALA A 59 -12.69 17.39 -0.80
CA ALA A 59 -11.91 16.87 0.32
C ALA A 59 -12.52 17.30 1.64
N GLY A 60 -13.84 17.17 1.74
CA GLY A 60 -14.56 17.55 2.94
C GLY A 60 -16.03 17.20 2.81
N VAL A 61 -16.82 17.54 3.82
CA VAL A 61 -18.24 17.23 3.80
C VAL A 61 -19.10 18.42 4.24
N ASN A 62 -20.11 18.74 3.44
CA ASN A 62 -21.12 19.72 3.84
C ASN A 62 -22.16 19.01 4.70
N PHE A 63 -23.21 19.73 5.11
CA PHE A 63 -24.20 19.16 6.00
C PHE A 63 -24.89 17.93 5.41
N SER A 64 -25.18 17.98 4.11
CA SER A 64 -25.75 16.84 3.40
C SER A 64 -24.83 15.64 3.49
N GLU A 65 -23.54 15.89 3.29
CA GLU A 65 -22.54 14.82 3.29
C GLU A 65 -22.17 14.40 4.71
N PHE A 66 -22.30 15.33 5.65
CA PHE A 66 -21.92 15.08 7.03
C PHE A 66 -22.92 14.19 7.76
N THR A 67 -24.16 14.19 7.28
CA THR A 67 -25.20 13.33 7.86
C THR A 67 -24.80 11.87 7.74
N GLY A 68 -24.29 11.50 6.57
CA GLY A 68 -23.79 10.16 6.34
C GLY A 68 -22.57 9.88 7.20
N VAL A 69 -21.73 10.89 7.38
CA VAL A 69 -20.53 10.76 8.20
C VAL A 69 -20.89 10.53 9.67
N TRP A 70 -21.79 11.35 10.20
CA TRP A 70 -22.22 11.22 11.58
C TRP A 70 -22.87 9.86 11.84
N LYS A 71 -23.63 9.38 10.86
CA LYS A 71 -24.27 8.08 10.98
C LYS A 71 -23.23 6.97 10.90
N TYR A 72 -22.28 7.12 10.00
CA TYR A 72 -21.23 6.12 9.78
C TYR A 72 -20.29 6.02 10.97
N ILE A 73 -20.21 7.08 11.77
CA ILE A 73 -19.25 7.10 12.86
C ILE A 73 -19.89 6.73 14.20
N THR A 74 -21.18 7.03 14.35
CA THR A 74 -21.90 6.65 15.56
C THR A 74 -22.23 5.17 15.52
N ASP A 75 -22.41 4.65 14.32
CA ASP A 75 -22.65 3.22 14.12
C ASP A 75 -21.40 2.42 14.48
N TRP A 76 -20.23 3.03 14.29
CA TRP A 76 -18.98 2.37 14.65
C TRP A 76 -18.71 2.46 16.14
N GLN A 77 -19.16 3.55 16.75
CA GLN A 77 -19.02 3.72 18.19
C GLN A 77 -19.94 2.73 18.92
N ASN A 78 -21.08 2.44 18.30
CA ASN A 78 -22.00 1.43 18.81
C ASN A 78 -21.34 0.06 18.85
N VAL A 79 -20.59 -0.25 17.79
CA VAL A 79 -19.84 -1.49 17.70
C VAL A 79 -18.72 -1.51 18.75
N PHE A 80 -17.99 -0.41 18.83
CA PHE A 80 -16.87 -0.30 19.75
C PHE A 80 -17.33 -0.35 21.21
N ARG A 81 -18.47 0.26 21.49
CA ARG A 81 -18.98 0.34 22.87
C ARG A 81 -19.33 -1.04 23.43
N THR A 82 -19.84 -1.91 22.58
CA THR A 82 -20.39 -3.19 23.04
C THR A 82 -19.29 -4.22 23.27
N TYR A 83 -18.29 -4.21 22.39
CA TYR A 83 -17.22 -5.17 22.46
C TYR A 83 -16.13 -4.72 23.44
N ASP A 84 -16.15 -3.45 23.79
CA ASP A 84 -15.30 -2.92 24.85
C ASP A 84 -16.02 -3.11 26.18
N ARG A 85 -16.20 -4.37 26.56
CA ARG A 85 -16.99 -4.71 27.75
C ARG A 85 -16.30 -4.26 29.04
N ASP A 86 -14.97 -4.31 29.05
CA ASP A 86 -14.23 -3.91 30.23
C ASP A 86 -14.16 -2.38 30.33
N ASN A 87 -14.57 -1.72 29.24
CA ASN A 87 -14.62 -0.25 29.18
C ASN A 87 -13.33 0.43 29.59
N SER A 88 -12.28 0.24 28.80
CA SER A 88 -11.00 0.88 29.05
C SER A 88 -10.68 1.87 27.93
N GLY A 89 -11.58 1.95 26.95
CA GLY A 89 -11.38 2.80 25.80
C GLY A 89 -10.57 2.09 24.73
N MET A 90 -10.12 0.88 25.04
CA MET A 90 -9.32 0.09 24.12
C MET A 90 -9.90 -1.31 23.98
N ILE A 91 -9.86 -1.86 22.77
CA ILE A 91 -10.28 -3.23 22.55
C ILE A 91 -9.07 -4.16 22.60
N ASP A 92 -9.05 -5.04 23.60
CA ASP A 92 -7.95 -6.00 23.72
C ASP A 92 -8.21 -7.21 22.81
N LYS A 93 -7.24 -8.11 22.76
CA LYS A 93 -7.31 -9.28 21.89
C LYS A 93 -8.51 -10.17 22.24
N ASN A 94 -8.76 -10.35 23.53
CA ASN A 94 -9.88 -11.16 23.98
C ASN A 94 -11.22 -10.52 23.62
N GLU A 95 -11.20 -9.19 23.49
CA GLU A 95 -12.40 -8.46 23.09
C GLU A 95 -12.48 -8.30 21.58
N LEU A 96 -11.37 -8.56 20.91
CA LEU A 96 -11.30 -8.44 19.45
C LEU A 96 -11.91 -9.65 18.77
N LYS A 97 -11.64 -10.82 19.33
CA LYS A 97 -12.25 -12.03 18.85
C LYS A 97 -13.77 -11.85 18.87
N GLN A 98 -14.28 -11.05 19.80
CA GLN A 98 -15.70 -11.13 20.07
C GLN A 98 -16.31 -10.10 19.14
N ALA A 99 -15.43 -9.24 18.63
CA ALA A 99 -15.84 -8.13 17.78
C ALA A 99 -15.85 -8.51 16.31
N LEU A 100 -14.73 -9.06 15.83
CA LEU A 100 -14.57 -9.37 14.41
C LEU A 100 -15.42 -10.55 13.94
N SER A 101 -16.31 -11.02 14.81
CA SER A 101 -17.17 -12.15 14.52
C SER A 101 -18.13 -11.88 13.36
N GLY A 102 -18.36 -10.59 13.08
CA GLY A 102 -19.34 -10.20 12.10
C GLY A 102 -18.95 -10.39 10.64
N PHE A 103 -17.73 -10.87 10.40
CA PHE A 103 -17.26 -11.05 9.03
C PHE A 103 -17.48 -12.46 8.49
N GLY A 104 -18.34 -13.22 9.16
CA GLY A 104 -18.71 -14.54 8.68
C GLY A 104 -17.88 -15.67 9.24
N TYR A 105 -16.72 -15.90 8.64
CA TYR A 105 -15.89 -17.02 9.05
C TYR A 105 -15.10 -16.73 10.32
N ARG A 106 -15.26 -17.61 11.31
CA ARG A 106 -14.52 -17.49 12.55
C ARG A 106 -13.02 -17.68 12.26
N LEU A 107 -12.21 -16.78 12.80
CA LEU A 107 -10.78 -16.77 12.55
C LEU A 107 -10.03 -17.43 13.70
N SER A 108 -8.78 -17.80 13.47
CA SER A 108 -7.98 -18.47 14.49
C SER A 108 -7.65 -17.50 15.61
N ASP A 109 -7.30 -18.04 16.78
CA ASP A 109 -7.07 -17.25 17.97
C ASP A 109 -5.93 -16.24 17.84
N GLN A 110 -4.80 -16.67 17.28
CA GLN A 110 -3.65 -15.79 17.21
C GLN A 110 -3.49 -15.21 15.82
N PHE A 111 -4.56 -15.26 15.03
CA PHE A 111 -4.67 -14.44 13.84
C PHE A 111 -5.00 -13.02 14.30
N HIS A 112 -5.60 -12.94 15.49
CA HIS A 112 -5.94 -11.67 16.11
C HIS A 112 -4.69 -10.96 16.62
N ASP A 113 -3.55 -11.64 16.57
CA ASP A 113 -2.28 -11.02 16.93
C ASP A 113 -1.61 -10.43 15.70
N ILE A 114 -2.05 -10.86 14.53
CA ILE A 114 -1.59 -10.28 13.27
C ILE A 114 -2.34 -8.98 13.01
N LEU A 115 -3.65 -9.02 13.23
CA LEU A 115 -4.51 -7.85 13.05
C LEU A 115 -4.13 -6.73 14.00
N ILE A 116 -3.80 -7.11 15.24
CA ILE A 116 -3.46 -6.14 16.27
C ILE A 116 -2.06 -5.57 16.04
N ARG A 117 -1.20 -6.32 15.37
CA ARG A 117 0.13 -5.84 15.05
C ARG A 117 0.07 -4.90 13.84
N LYS A 118 -0.89 -5.15 12.97
CA LYS A 118 -1.01 -4.42 11.71
C LYS A 118 -1.70 -3.07 11.84
N PHE A 119 -2.65 -2.96 12.77
CA PHE A 119 -3.48 -1.76 12.83
C PHE A 119 -3.34 -0.93 14.11
N ASP A 120 -2.59 -1.44 15.08
CA ASP A 120 -2.38 -0.69 16.33
C ASP A 120 -1.26 0.33 16.18
N ARG A 121 -1.62 1.60 16.20
CA ARG A 121 -0.64 2.68 16.14
C ARG A 121 -0.17 3.06 17.53
N GLN A 122 -1.01 2.77 18.53
CA GLN A 122 -0.67 3.06 19.92
C GLN A 122 0.48 2.19 20.40
N GLY A 123 0.55 0.97 19.85
CA GLY A 123 1.64 0.06 20.16
C GLY A 123 1.59 -0.55 21.54
N ARG A 124 0.45 -0.43 22.21
CA ARG A 124 0.31 -0.95 23.58
C ARG A 124 -0.43 -2.28 23.59
N GLY A 125 -0.34 -3.03 22.50
CA GLY A 125 -0.94 -4.35 22.43
C GLY A 125 -2.45 -4.35 22.56
N GLN A 126 -3.08 -3.28 22.10
CA GLN A 126 -4.54 -3.16 22.09
C GLN A 126 -4.99 -2.30 20.92
N ILE A 127 -6.30 -2.22 20.70
CA ILE A 127 -6.83 -1.48 19.56
C ILE A 127 -7.74 -0.33 19.99
N ALA A 128 -7.39 0.88 19.57
CA ALA A 128 -8.20 2.06 19.87
C ALA A 128 -9.33 2.22 18.86
N PHE A 129 -10.21 3.18 19.12
CA PHE A 129 -11.40 3.39 18.30
C PHE A 129 -11.08 3.81 16.87
N ASP A 130 -10.10 4.70 16.72
CA ASP A 130 -9.72 5.19 15.40
C ASP A 130 -9.03 4.10 14.58
N ASP A 131 -8.26 3.26 15.25
CA ASP A 131 -7.57 2.17 14.61
C ASP A 131 -8.52 1.00 14.35
N PHE A 132 -9.59 0.95 15.12
CA PHE A 132 -10.60 -0.10 14.96
C PHE A 132 -11.40 0.12 13.69
N ILE A 133 -11.74 1.39 13.43
CA ILE A 133 -12.49 1.74 12.23
C ILE A 133 -11.68 1.45 10.96
N GLN A 134 -10.45 1.94 10.93
CA GLN A 134 -9.59 1.76 9.77
C GLN A 134 -9.28 0.28 9.52
N GLY A 135 -9.12 -0.47 10.60
CA GLY A 135 -8.87 -1.90 10.49
C GLY A 135 -10.00 -2.63 9.78
N CYS A 136 -11.23 -2.31 10.18
CA CYS A 136 -12.41 -2.93 9.59
C CYS A 136 -12.62 -2.47 8.15
N ILE A 137 -12.26 -1.23 7.87
CA ILE A 137 -12.35 -0.68 6.52
C ILE A 137 -11.45 -1.48 5.58
N VAL A 138 -10.23 -1.75 6.02
CA VAL A 138 -9.32 -2.59 5.27
C VAL A 138 -9.89 -4.00 5.15
N LEU A 139 -10.36 -4.53 6.27
CA LEU A 139 -10.91 -5.89 6.31
C LEU A 139 -12.10 -6.07 5.37
N GLN A 140 -13.02 -5.11 5.38
CA GLN A 140 -14.17 -5.16 4.48
C GLN A 140 -13.72 -5.07 3.03
N ARG A 141 -12.68 -4.29 2.79
CA ARG A 141 -12.12 -4.17 1.45
C ARG A 141 -11.58 -5.52 0.99
N LEU A 142 -10.97 -6.25 1.90
CA LEU A 142 -10.38 -7.55 1.59
C LEU A 142 -11.43 -8.63 1.36
N THR A 143 -12.53 -8.57 2.12
CA THR A 143 -13.54 -9.61 2.06
C THR A 143 -14.45 -9.47 0.84
N ASP A 144 -14.55 -8.26 0.29
CA ASP A 144 -15.30 -8.06 -0.94
C ASP A 144 -14.57 -8.73 -2.09
N ILE A 145 -13.25 -8.62 -2.07
CA ILE A 145 -12.39 -9.26 -3.05
C ILE A 145 -12.45 -10.77 -2.90
N PHE A 146 -12.55 -11.23 -1.66
CA PHE A 146 -12.62 -12.66 -1.37
C PHE A 146 -13.96 -13.26 -1.79
N ARG A 147 -15.04 -12.51 -1.57
CA ARG A 147 -16.39 -13.00 -1.85
C ARG A 147 -16.68 -13.16 -3.34
N ARG A 148 -15.92 -12.47 -4.18
CA ARG A 148 -16.07 -12.61 -5.62
C ARG A 148 -15.70 -14.04 -6.05
N TYR A 149 -14.71 -14.61 -5.38
CA TYR A 149 -14.24 -15.95 -5.70
C TYR A 149 -14.81 -16.99 -4.73
N ASP A 150 -15.55 -16.52 -3.73
CA ASP A 150 -16.13 -17.41 -2.74
C ASP A 150 -17.53 -17.92 -3.09
N THR A 151 -17.80 -18.00 -4.38
CA THR A 151 -19.06 -18.53 -4.90
C THR A 151 -19.58 -19.72 -4.10
N ASP A 152 -18.67 -20.60 -3.74
CA ASP A 152 -18.95 -21.78 -2.93
C ASP A 152 -19.61 -21.38 -1.61
N GLN A 153 -19.17 -20.25 -1.07
CA GLN A 153 -19.68 -19.71 0.19
C GLN A 153 -19.35 -20.59 1.40
N ASP A 154 -18.12 -21.07 1.46
CA ASP A 154 -17.68 -21.88 2.60
C ASP A 154 -16.39 -21.35 3.20
N GLY A 155 -16.04 -20.11 2.85
CA GLY A 155 -14.87 -19.46 3.41
C GLY A 155 -13.57 -19.90 2.77
N TRP A 156 -13.67 -20.64 1.67
CA TRP A 156 -12.49 -21.10 0.94
C TRP A 156 -12.61 -20.76 -0.54
N ILE A 157 -11.51 -20.28 -1.12
CA ILE A 157 -11.49 -19.98 -2.55
C ILE A 157 -10.35 -20.71 -3.26
N GLN A 158 -10.57 -21.02 -4.54
CA GLN A 158 -9.53 -21.62 -5.36
C GLN A 158 -9.29 -20.74 -6.58
N VAL A 159 -8.18 -19.99 -6.55
CA VAL A 159 -7.89 -19.03 -7.60
C VAL A 159 -6.61 -19.36 -8.34
N SER A 160 -6.42 -18.71 -9.48
CA SER A 160 -5.21 -18.92 -10.29
C SER A 160 -4.14 -17.89 -9.97
N TYR A 161 -3.11 -17.85 -10.80
CA TYR A 161 -2.02 -16.90 -10.61
C TYR A 161 -2.45 -15.49 -10.99
N GLU A 162 -3.20 -15.37 -12.09
CA GLU A 162 -3.68 -14.09 -12.55
C GLU A 162 -4.73 -13.52 -11.61
N GLN A 163 -5.67 -14.36 -11.19
CA GLN A 163 -6.73 -13.94 -10.27
C GLN A 163 -6.14 -13.45 -8.95
N TYR A 164 -5.09 -14.13 -8.49
CA TYR A 164 -4.40 -13.72 -7.27
C TYR A 164 -3.78 -12.34 -7.43
N LEU A 165 -3.04 -12.15 -8.53
CA LEU A 165 -2.47 -10.85 -8.84
C LEU A 165 -3.57 -9.82 -9.03
N SER A 166 -4.66 -10.24 -9.67
CA SER A 166 -5.81 -9.38 -9.86
C SER A 166 -6.35 -8.91 -8.51
N MET A 167 -6.40 -9.82 -7.54
CA MET A 167 -6.87 -9.50 -6.20
C MET A 167 -5.94 -8.51 -5.50
N VAL A 168 -4.64 -8.72 -5.67
CA VAL A 168 -3.65 -7.86 -5.03
C VAL A 168 -3.71 -6.44 -5.57
N PHE A 169 -3.80 -6.31 -6.89
CA PHE A 169 -3.79 -5.01 -7.53
C PHE A 169 -5.18 -4.37 -7.55
N SER A 170 -6.19 -5.11 -7.10
CA SER A 170 -7.54 -4.57 -6.97
C SER A 170 -7.79 -4.08 -5.55
N ILE A 171 -6.73 -4.00 -4.76
CA ILE A 171 -6.82 -3.52 -3.40
C ILE A 171 -7.13 -2.03 -3.39
N VAL A 172 -6.86 -1.39 -4.53
CA VAL A 172 -7.12 0.04 -4.70
C VAL A 172 -8.25 0.25 -5.70
N GLN B 6 38.24 -2.57 -9.28
CA GLN B 6 38.24 -1.90 -10.57
C GLN B 6 37.92 -0.42 -10.42
N SER B 7 38.86 0.44 -10.81
CA SER B 7 38.76 1.86 -10.56
C SER B 7 37.83 2.61 -11.53
N PHE B 8 37.47 1.97 -12.63
CA PHE B 8 36.48 2.54 -13.52
C PHE B 8 35.13 2.59 -12.83
N LEU B 9 34.88 1.57 -12.01
CA LEU B 9 33.69 1.55 -11.17
C LEU B 9 33.89 2.50 -9.99
N TRP B 10 35.14 2.63 -9.55
CA TRP B 10 35.49 3.60 -8.53
C TRP B 10 35.31 5.02 -9.07
N ASN B 11 35.51 5.19 -10.36
CA ASN B 11 35.34 6.49 -11.02
C ASN B 11 33.89 6.95 -10.95
N VAL B 12 32.99 6.12 -11.47
CA VAL B 12 31.56 6.46 -11.48
C VAL B 12 31.01 6.51 -10.06
N PHE B 13 31.58 5.71 -9.16
CA PHE B 13 31.19 5.73 -7.75
C PHE B 13 31.46 7.10 -7.14
N GLN B 14 32.66 7.64 -7.42
CA GLN B 14 33.06 8.92 -6.87
C GLN B 14 32.12 10.05 -7.29
N ARG B 15 31.74 10.06 -8.57
CA ARG B 15 30.77 11.03 -9.08
C ARG B 15 29.43 10.81 -8.36
N VAL B 16 28.89 9.59 -8.47
CA VAL B 16 27.61 9.27 -7.85
C VAL B 16 27.57 9.69 -6.38
N ASP B 17 28.62 9.36 -5.65
CA ASP B 17 28.74 9.75 -4.25
C ASP B 17 29.09 11.23 -4.14
N LYS B 18 28.07 12.09 -4.15
CA LYS B 18 28.26 13.54 -4.18
C LYS B 18 28.84 14.10 -2.88
N ASP B 19 28.29 13.69 -1.74
CA ASP B 19 28.80 14.14 -0.45
C ASP B 19 30.12 13.45 -0.12
N ARG B 20 30.42 12.41 -0.90
CA ARG B 20 31.64 11.61 -0.75
C ARG B 20 31.85 11.15 0.70
N SER B 21 30.79 10.67 1.31
CA SER B 21 30.85 10.15 2.67
C SER B 21 31.42 8.73 2.66
N GLY B 22 31.47 8.14 1.47
CA GLY B 22 31.90 6.76 1.32
C GLY B 22 30.70 5.85 1.14
N VAL B 23 29.51 6.42 1.23
CA VAL B 23 28.27 5.68 1.09
C VAL B 23 27.26 6.44 0.23
N ILE B 24 26.77 5.79 -0.82
CA ILE B 24 25.78 6.39 -1.71
C ILE B 24 24.39 6.37 -1.08
N SER B 25 23.81 7.55 -0.90
CA SER B 25 22.47 7.65 -0.32
C SER B 25 21.41 7.30 -1.35
N ASP B 26 20.14 7.38 -0.95
CA ASP B 26 19.03 7.10 -1.85
C ASP B 26 18.95 8.14 -2.97
N THR B 27 18.83 9.41 -2.59
CA THR B 27 18.70 10.49 -3.56
C THR B 27 19.95 10.63 -4.41
N GLU B 28 21.08 10.17 -3.87
CA GLU B 28 22.34 10.21 -4.60
C GLU B 28 22.33 9.19 -5.74
N LEU B 29 21.79 8.01 -5.47
CA LEU B 29 21.68 6.96 -6.48
C LEU B 29 20.63 7.35 -7.51
N GLN B 30 19.52 7.90 -7.04
CA GLN B 30 18.41 8.31 -7.91
C GLN B 30 18.85 9.33 -8.95
N GLN B 31 19.58 10.35 -8.50
CA GLN B 31 20.02 11.43 -9.38
C GLN B 31 21.11 10.99 -10.34
N ALA B 32 21.63 9.77 -10.12
CA ALA B 32 22.64 9.21 -11.00
C ALA B 32 22.01 8.25 -12.01
N LEU B 33 20.71 8.04 -11.88
CA LEU B 33 20.01 7.11 -12.75
C LEU B 33 19.09 7.81 -13.74
N SER B 34 18.92 7.20 -14.91
CA SER B 34 18.02 7.72 -15.93
C SER B 34 17.01 6.65 -16.33
N ASN B 35 15.78 7.07 -16.61
CA ASN B 35 14.76 6.16 -17.08
C ASN B 35 14.47 6.37 -18.57
N GLY B 36 15.29 7.19 -19.20
CA GLY B 36 15.13 7.48 -20.61
C GLY B 36 14.26 8.70 -20.86
N THR B 37 13.66 9.21 -19.80
CA THR B 37 12.75 10.36 -19.91
C THR B 37 13.26 11.56 -19.10
N TRP B 38 12.46 12.62 -19.06
CA TRP B 38 12.83 13.83 -18.35
C TRP B 38 12.24 13.87 -16.95
N THR B 39 11.77 12.72 -16.47
CA THR B 39 11.25 12.61 -15.12
C THR B 39 12.23 11.85 -14.23
N PRO B 40 12.37 12.28 -12.97
CA PRO B 40 13.28 11.64 -12.02
C PRO B 40 13.05 10.14 -11.87
N PHE B 41 14.13 9.38 -11.70
CA PHE B 41 14.07 7.95 -11.52
C PHE B 41 13.20 7.62 -10.31
N ASN B 42 12.38 6.58 -10.43
CA ASN B 42 11.43 6.20 -9.40
C ASN B 42 12.10 5.94 -8.04
N PRO B 43 11.75 6.75 -7.03
CA PRO B 43 12.30 6.64 -5.68
C PRO B 43 12.06 5.27 -5.03
N VAL B 44 10.88 4.71 -5.25
CA VAL B 44 10.55 3.40 -4.72
C VAL B 44 11.48 2.34 -5.29
N THR B 45 11.83 2.49 -6.56
CA THR B 45 12.77 1.59 -7.22
C THR B 45 14.16 1.72 -6.60
N VAL B 46 14.58 2.96 -6.36
CA VAL B 46 15.89 3.24 -5.79
C VAL B 46 16.02 2.64 -4.39
N ARG B 47 14.98 2.81 -3.58
CA ARG B 47 14.95 2.26 -2.23
C ARG B 47 15.04 0.74 -2.27
N SER B 48 14.43 0.15 -3.28
CA SER B 48 14.47 -1.30 -3.47
C SER B 48 15.88 -1.76 -3.83
N ILE B 49 16.49 -1.06 -4.78
CA ILE B 49 17.85 -1.39 -5.23
C ILE B 49 18.86 -1.28 -4.10
N ILE B 50 18.80 -0.17 -3.36
CA ILE B 50 19.67 0.05 -2.22
C ILE B 50 19.55 -1.07 -1.19
N SER B 51 18.31 -1.37 -0.80
CA SER B 51 18.05 -2.39 0.21
C SER B 51 18.53 -3.78 -0.22
N MET B 52 18.52 -4.04 -1.52
CA MET B 52 18.96 -5.33 -2.04
C MET B 52 20.47 -5.52 -1.91
N PHE B 53 21.22 -4.43 -2.03
CA PHE B 53 22.67 -4.53 -2.03
C PHE B 53 23.31 -3.86 -0.82
N ASP B 54 22.50 -3.35 0.09
CA ASP B 54 22.99 -2.84 1.37
C ASP B 54 22.93 -3.96 2.40
N ARG B 55 24.09 -4.41 2.85
CA ARG B 55 24.16 -5.52 3.80
C ARG B 55 24.32 -5.01 5.23
N GLU B 56 24.23 -3.70 5.42
CA GLU B 56 24.52 -3.10 6.72
C GLU B 56 23.37 -2.25 7.25
N ASN B 57 22.26 -2.23 6.51
CA ASN B 57 21.06 -1.48 6.89
C ASN B 57 21.37 -0.03 7.27
N LYS B 58 22.08 0.66 6.40
CA LYS B 58 22.49 2.04 6.66
C LYS B 58 21.82 2.99 5.67
N ALA B 59 20.79 2.50 4.99
CA ALA B 59 20.07 3.25 3.96
C ALA B 59 21.03 3.79 2.89
N GLY B 60 21.98 2.94 2.49
CA GLY B 60 22.97 3.33 1.50
C GLY B 60 23.95 2.22 1.23
N VAL B 61 24.72 2.35 0.15
CA VAL B 61 25.69 1.33 -0.22
C VAL B 61 27.10 1.89 -0.34
N ASN B 62 28.09 1.05 -0.06
CA ASN B 62 29.48 1.44 -0.22
C ASN B 62 29.99 1.07 -1.62
N PHE B 63 31.30 1.19 -1.83
CA PHE B 63 31.88 0.89 -3.14
C PHE B 63 31.81 -0.60 -3.47
N SER B 64 32.12 -1.45 -2.49
CA SER B 64 32.09 -2.89 -2.68
C SER B 64 30.67 -3.36 -3.00
N GLU B 65 29.69 -2.65 -2.45
CA GLU B 65 28.28 -2.96 -2.70
C GLU B 65 27.78 -2.30 -3.98
N PHE B 66 28.43 -1.19 -4.36
CA PHE B 66 28.06 -0.48 -5.58
C PHE B 66 28.40 -1.28 -6.83
N THR B 67 29.45 -2.11 -6.72
CA THR B 67 29.85 -2.97 -7.82
C THR B 67 28.72 -3.93 -8.18
N GLY B 68 28.00 -4.38 -7.16
CA GLY B 68 26.83 -5.21 -7.36
C GLY B 68 25.68 -4.42 -7.93
N VAL B 69 25.52 -3.19 -7.43
CA VAL B 69 24.49 -2.28 -7.92
C VAL B 69 24.73 -1.94 -9.38
N TRP B 70 26.00 -1.70 -9.73
CA TRP B 70 26.36 -1.36 -11.10
C TRP B 70 25.97 -2.48 -12.06
N LYS B 71 26.41 -3.70 -11.75
CA LYS B 71 26.13 -4.85 -12.61
C LYS B 71 24.65 -5.19 -12.66
N TYR B 72 23.96 -4.98 -11.53
CA TYR B 72 22.55 -5.29 -11.42
C TYR B 72 21.70 -4.57 -12.45
N ILE B 73 21.81 -3.24 -12.47
CA ILE B 73 21.01 -2.45 -13.38
C ILE B 73 21.66 -2.35 -14.75
N THR B 74 22.94 -2.67 -14.86
CA THR B 74 23.61 -2.73 -16.16
C THR B 74 23.04 -3.90 -16.94
N ASP B 75 22.82 -5.00 -16.24
CA ASP B 75 22.14 -6.14 -16.84
C ASP B 75 20.69 -5.78 -17.12
N TRP B 76 20.15 -4.86 -16.33
CA TRP B 76 18.79 -4.42 -16.55
C TRP B 76 18.72 -3.56 -17.80
N GLN B 77 19.80 -2.88 -18.20
CA GLN B 77 19.69 -1.92 -19.30
C GLN B 77 19.55 -2.78 -20.49
N ASN B 78 20.35 -3.84 -20.49
CA ASN B 78 20.38 -4.86 -21.53
C ASN B 78 19.08 -5.64 -21.62
N VAL B 79 18.62 -6.15 -20.49
CA VAL B 79 17.38 -6.92 -20.42
C VAL B 79 16.19 -6.08 -20.86
N PHE B 80 16.16 -4.83 -20.39
CA PHE B 80 15.06 -3.93 -20.72
C PHE B 80 14.96 -3.67 -22.21
N ARG B 81 16.04 -3.20 -22.83
CA ARG B 81 15.96 -2.79 -24.23
C ARG B 81 16.21 -3.94 -25.21
N THR B 82 16.33 -5.16 -24.70
CA THR B 82 16.26 -6.34 -25.56
C THR B 82 14.80 -6.72 -25.69
N TYR B 83 14.08 -6.62 -24.57
CA TYR B 83 12.64 -6.81 -24.57
C TYR B 83 11.95 -5.60 -25.20
N ASP B 84 12.65 -4.46 -25.16
CA ASP B 84 12.20 -3.27 -25.87
C ASP B 84 12.57 -3.44 -27.34
N ARG B 85 11.78 -4.22 -28.06
CA ARG B 85 12.05 -4.57 -29.44
C ARG B 85 12.07 -3.36 -30.38
N ASP B 86 11.02 -2.55 -30.33
CA ASP B 86 10.86 -1.44 -31.25
C ASP B 86 11.84 -0.29 -30.98
N ASN B 87 12.67 -0.44 -29.95
CA ASN B 87 13.66 0.55 -29.58
C ASN B 87 13.06 1.93 -29.33
N SER B 88 12.02 1.97 -28.50
CA SER B 88 11.34 3.23 -28.20
C SER B 88 11.74 3.79 -26.84
N GLY B 89 12.47 2.98 -26.08
CA GLY B 89 12.89 3.37 -24.74
C GLY B 89 11.87 2.97 -23.69
N MET B 90 10.78 2.35 -24.15
CA MET B 90 9.69 1.93 -23.26
C MET B 90 9.24 0.51 -23.58
N ILE B 91 8.66 -0.16 -22.58
CA ILE B 91 8.07 -1.47 -22.80
C ILE B 91 6.55 -1.34 -22.94
N ASP B 92 6.04 -1.52 -24.16
CA ASP B 92 4.61 -1.42 -24.39
C ASP B 92 3.90 -2.71 -24.00
N LYS B 93 2.62 -2.82 -24.36
CA LYS B 93 1.80 -3.95 -23.95
C LYS B 93 2.30 -5.29 -24.50
N ASN B 94 2.45 -5.37 -25.81
CA ASN B 94 2.89 -6.61 -26.44
C ASN B 94 4.32 -7.00 -26.08
N GLU B 95 5.12 -6.01 -25.71
CA GLU B 95 6.48 -6.28 -25.27
C GLU B 95 6.47 -6.78 -23.83
N LEU B 96 5.48 -6.36 -23.06
CA LEU B 96 5.33 -6.79 -21.68
C LEU B 96 4.83 -8.24 -21.63
N LYS B 97 4.08 -8.63 -22.64
CA LYS B 97 3.56 -10.00 -22.74
C LYS B 97 4.70 -11.00 -22.85
N GLN B 98 5.61 -10.74 -23.77
CA GLN B 98 6.77 -11.60 -23.97
C GLN B 98 7.79 -11.42 -22.84
N ALA B 99 7.61 -10.37 -22.06
CA ALA B 99 8.52 -10.08 -20.96
C ALA B 99 8.22 -10.96 -19.74
N LEU B 100 6.94 -11.06 -19.39
CA LEU B 100 6.53 -11.79 -18.19
C LEU B 100 6.34 -13.27 -18.45
N SER B 101 6.70 -13.72 -19.64
CA SER B 101 6.54 -15.12 -20.01
C SER B 101 7.60 -16.00 -19.34
N GLY B 102 8.56 -15.37 -18.68
CA GLY B 102 9.63 -16.08 -18.02
C GLY B 102 9.30 -16.57 -16.63
N PHE B 103 8.22 -16.04 -16.06
CA PHE B 103 7.79 -16.43 -14.72
C PHE B 103 7.37 -17.89 -14.67
N GLY B 104 6.67 -18.35 -15.70
CA GLY B 104 6.23 -19.72 -15.77
C GLY B 104 4.74 -19.89 -15.56
N TYR B 105 4.02 -18.77 -15.51
CA TYR B 105 2.58 -18.80 -15.32
C TYR B 105 1.83 -18.15 -16.48
N ARG B 106 0.52 -18.39 -16.52
CA ARG B 106 -0.33 -17.89 -17.58
C ARG B 106 -0.94 -16.53 -17.22
N LEU B 107 -0.77 -15.56 -18.10
CA LEU B 107 -1.37 -14.24 -17.92
C LEU B 107 -2.14 -13.82 -19.16
N SER B 108 -3.41 -13.47 -18.97
CA SER B 108 -4.27 -13.04 -20.07
C SER B 108 -3.75 -11.73 -20.65
N ASP B 109 -4.02 -11.51 -21.93
CA ASP B 109 -3.55 -10.32 -22.63
C ASP B 109 -4.19 -9.07 -22.05
N GLN B 110 -5.42 -9.19 -21.58
CA GLN B 110 -6.15 -8.08 -20.99
C GLN B 110 -5.53 -7.67 -19.66
N PHE B 111 -5.01 -8.64 -18.92
CA PHE B 111 -4.43 -8.37 -17.60
C PHE B 111 -3.15 -7.55 -17.72
N HIS B 112 -2.56 -7.53 -18.91
CA HIS B 112 -1.38 -6.71 -19.15
C HIS B 112 -1.75 -5.23 -19.15
N ASP B 113 -3.02 -4.95 -19.43
CA ASP B 113 -3.53 -3.59 -19.31
C ASP B 113 -3.58 -3.18 -17.85
N ILE B 114 -3.92 -4.14 -16.99
CA ILE B 114 -3.98 -3.91 -15.55
C ILE B 114 -2.60 -3.58 -14.98
N LEU B 115 -1.61 -4.36 -15.40
CA LEU B 115 -0.24 -4.20 -14.93
C LEU B 115 0.35 -2.85 -15.34
N ILE B 116 0.06 -2.43 -16.57
CA ILE B 116 0.53 -1.14 -17.06
C ILE B 116 -0.07 0.01 -16.26
N ARG B 117 -1.38 -0.07 -16.00
CA ARG B 117 -2.08 0.96 -15.24
C ARG B 117 -1.53 1.10 -13.83
N LYS B 118 -1.00 0.00 -13.29
CA LYS B 118 -0.51 -0.02 -11.91
C LYS B 118 0.94 0.42 -11.80
N PHE B 119 1.73 0.17 -12.85
CA PHE B 119 3.16 0.40 -12.79
C PHE B 119 3.59 1.71 -13.45
N ASP B 120 2.90 2.10 -14.52
CA ASP B 120 3.24 3.32 -15.25
C ASP B 120 2.94 4.57 -14.42
N ARG B 121 3.97 5.34 -14.12
CA ARG B 121 3.83 6.55 -13.31
C ARG B 121 3.59 7.79 -14.17
N GLN B 122 3.92 7.70 -15.44
CA GLN B 122 3.90 8.87 -16.32
C GLN B 122 2.63 8.94 -17.17
N GLY B 123 1.87 7.85 -17.20
CA GLY B 123 0.61 7.82 -17.91
C GLY B 123 0.75 7.81 -19.42
N ARG B 124 1.86 7.27 -19.91
CA ARG B 124 2.10 7.17 -21.34
C ARG B 124 1.47 5.91 -21.93
N GLY B 125 1.04 5.01 -21.06
CA GLY B 125 0.46 3.75 -21.51
C GLY B 125 1.53 2.69 -21.68
N GLN B 126 2.78 3.08 -21.47
CA GLN B 126 3.90 2.14 -21.56
C GLN B 126 4.76 2.24 -20.29
N ILE B 127 5.57 1.23 -20.05
CA ILE B 127 6.35 1.16 -18.82
C ILE B 127 7.81 1.57 -19.03
N ALA B 128 8.24 2.59 -18.30
CA ALA B 128 9.61 3.08 -18.40
C ALA B 128 10.58 2.16 -17.67
N PHE B 129 11.87 2.44 -17.80
CA PHE B 129 12.93 1.58 -17.25
C PHE B 129 12.86 1.46 -15.74
N ASP B 130 12.57 2.58 -15.06
CA ASP B 130 12.51 2.58 -13.60
C ASP B 130 11.28 1.86 -13.09
N ASP B 131 10.15 2.07 -13.73
CA ASP B 131 8.89 1.44 -13.32
C ASP B 131 8.87 -0.04 -13.70
N PHE B 132 9.67 -0.40 -14.69
CA PHE B 132 9.76 -1.79 -15.14
C PHE B 132 10.51 -2.64 -14.11
N ILE B 133 11.61 -2.09 -13.60
CA ILE B 133 12.39 -2.78 -12.58
C ILE B 133 11.57 -2.99 -11.32
N GLN B 134 10.90 -1.93 -10.87
CA GLN B 134 10.06 -1.99 -9.69
C GLN B 134 8.91 -2.98 -9.85
N GLY B 135 8.26 -2.92 -11.00
CA GLY B 135 7.14 -3.80 -11.29
C GLY B 135 7.53 -5.27 -11.26
N CYS B 136 8.74 -5.57 -11.74
CA CYS B 136 9.24 -6.92 -11.71
C CYS B 136 9.62 -7.34 -10.30
N ILE B 137 10.16 -6.39 -9.53
CA ILE B 137 10.50 -6.64 -8.13
C ILE B 137 9.24 -6.96 -7.33
N VAL B 138 8.18 -6.18 -7.56
CA VAL B 138 6.90 -6.42 -6.90
C VAL B 138 6.32 -7.76 -7.31
N LEU B 139 6.35 -8.05 -8.61
CA LEU B 139 5.83 -9.30 -9.13
C LEU B 139 6.63 -10.51 -8.64
N GLN B 140 7.95 -10.36 -8.59
CA GLN B 140 8.83 -11.45 -8.14
C GLN B 140 8.54 -11.80 -6.69
N ARG B 141 8.18 -10.82 -5.89
CA ARG B 141 7.90 -11.07 -4.48
C ARG B 141 6.48 -11.57 -4.29
N LEU B 142 5.58 -11.15 -5.17
CA LEU B 142 4.20 -11.64 -5.12
C LEU B 142 4.12 -13.10 -5.56
N THR B 143 5.07 -13.52 -6.39
CA THR B 143 5.09 -14.90 -6.87
C THR B 143 5.96 -15.78 -5.98
N ASP B 144 6.86 -15.16 -5.21
CA ASP B 144 7.62 -15.89 -4.21
C ASP B 144 6.66 -16.41 -3.15
N ILE B 145 5.68 -15.59 -2.80
CA ILE B 145 4.63 -15.96 -1.87
C ILE B 145 3.73 -17.03 -2.47
N PHE B 146 3.29 -16.79 -3.71
CA PHE B 146 2.38 -17.69 -4.40
C PHE B 146 2.96 -19.10 -4.52
N ARG B 147 4.27 -19.18 -4.82
CA ARG B 147 4.94 -20.46 -4.99
C ARG B 147 4.98 -21.25 -3.67
N ARG B 148 4.99 -20.54 -2.55
CA ARG B 148 4.93 -21.19 -1.24
C ARG B 148 3.61 -21.93 -1.07
N TYR B 149 2.52 -21.26 -1.43
CA TYR B 149 1.19 -21.80 -1.24
C TYR B 149 0.77 -22.73 -2.37
N ASP B 150 1.32 -22.51 -3.56
CA ASP B 150 1.05 -23.40 -4.69
C ASP B 150 1.78 -24.72 -4.46
N THR B 151 1.05 -25.72 -3.98
CA THR B 151 1.66 -26.97 -3.56
C THR B 151 1.77 -27.98 -4.71
N ASP B 152 1.00 -27.76 -5.77
CA ASP B 152 1.06 -28.63 -6.93
C ASP B 152 1.90 -27.99 -8.03
N GLN B 153 2.30 -26.74 -7.81
CA GLN B 153 3.03 -25.95 -8.79
C GLN B 153 2.26 -25.91 -10.10
N ASP B 154 0.94 -25.75 -10.01
CA ASP B 154 0.07 -25.80 -11.17
C ASP B 154 -0.52 -24.43 -11.52
N GLY B 155 -0.11 -23.41 -10.78
CA GLY B 155 -0.56 -22.05 -11.05
C GLY B 155 -1.88 -21.72 -10.39
N TRP B 156 -2.32 -22.58 -9.48
CA TRP B 156 -3.56 -22.35 -8.74
C TRP B 156 -3.37 -22.64 -7.26
N ILE B 157 -3.98 -21.82 -6.41
CA ILE B 157 -3.93 -22.03 -4.97
C ILE B 157 -5.33 -22.15 -4.38
N GLN B 158 -5.44 -22.86 -3.25
CA GLN B 158 -6.67 -22.95 -2.51
C GLN B 158 -6.46 -22.46 -1.08
N VAL B 159 -7.05 -21.32 -0.75
CA VAL B 159 -6.85 -20.72 0.56
C VAL B 159 -8.17 -20.43 1.27
N SER B 160 -8.11 -20.35 2.60
CA SER B 160 -9.26 -19.96 3.39
C SER B 160 -9.30 -18.45 3.52
N TYR B 161 -10.28 -17.93 4.23
CA TYR B 161 -10.40 -16.48 4.42
C TYR B 161 -9.26 -15.96 5.28
N GLU B 162 -8.90 -16.72 6.32
CA GLU B 162 -7.80 -16.35 7.19
C GLU B 162 -6.47 -16.42 6.45
N GLN B 163 -6.29 -17.49 5.67
CA GLN B 163 -5.09 -17.66 4.87
C GLN B 163 -4.97 -16.57 3.81
N TYR B 164 -6.12 -16.09 3.36
CA TYR B 164 -6.15 -15.01 2.37
C TYR B 164 -5.70 -13.68 2.96
N LEU B 165 -6.22 -13.35 4.14
CA LEU B 165 -5.85 -12.11 4.83
C LEU B 165 -4.38 -12.16 5.25
N SER B 166 -3.91 -13.35 5.59
CA SER B 166 -2.52 -13.53 5.99
C SER B 166 -1.57 -13.26 4.81
N MET B 167 -1.99 -13.67 3.62
CA MET B 167 -1.21 -13.43 2.41
C MET B 167 -1.13 -11.95 2.09
N VAL B 168 -2.27 -11.26 2.19
CA VAL B 168 -2.33 -9.83 1.89
C VAL B 168 -1.50 -9.02 2.89
N PHE B 169 -1.61 -9.38 4.16
CA PHE B 169 -0.87 -8.70 5.21
C PHE B 169 0.62 -9.05 5.20
N SER B 170 1.00 -9.97 4.31
CA SER B 170 2.38 -10.43 4.24
C SER B 170 3.29 -9.48 3.47
N ILE B 171 2.72 -8.75 2.52
CA ILE B 171 3.50 -7.80 1.75
C ILE B 171 3.47 -6.44 2.43
N VAL B 172 4.50 -6.17 3.24
CA VAL B 172 4.53 -4.99 4.07
C VAL B 172 5.68 -4.06 3.72
N ASN C 1 -7.97 11.34 31.84
CA ASN C 1 -9.32 11.82 31.58
C ASN C 1 -9.53 12.24 30.13
N PRO C 2 -9.35 11.31 29.17
CA PRO C 2 -9.53 11.69 27.76
C PRO C 2 -10.98 11.64 27.33
N PRO C 3 -11.34 12.36 26.26
CA PRO C 3 -12.71 12.30 25.74
C PRO C 3 -13.04 10.91 25.19
N PRO C 4 -14.27 10.43 25.43
CA PRO C 4 -14.72 9.11 24.96
C PRO C 4 -14.66 9.01 23.44
N PRO C 5 -14.43 7.79 22.92
CA PRO C 5 -14.32 7.51 21.48
C PRO C 5 -15.45 8.12 20.67
N GLY C 6 -15.10 8.77 19.56
CA GLY C 6 -16.09 9.40 18.70
C GLY C 6 -16.10 10.91 18.86
N PHE C 7 -17.23 11.52 18.50
CA PHE C 7 -17.37 12.97 18.55
C PHE C 7 -17.24 13.52 19.97
N ILE C 8 -16.40 14.53 20.11
CA ILE C 8 -16.23 15.22 21.39
C ILE C 8 -17.06 16.47 21.40
N MET C 9 -18.11 16.50 22.22
CA MET C 9 -18.85 17.73 22.44
C MET C 9 -18.19 18.48 23.60
N HIS C 10 -18.28 19.79 23.57
CA HIS C 10 -17.56 20.64 24.54
C HIS C 10 -17.88 20.26 25.98
N GLY C 11 -16.90 20.43 26.85
CA GLY C 11 -17.02 19.99 28.23
C GLY C 11 -16.67 18.53 28.36
N ASN C 12 -15.63 18.13 27.63
CA ASN C 12 -15.16 16.75 27.61
C ASN C 12 -16.28 15.77 27.22
N ASN D 1 19.35 14.65 -27.26
CA ASN D 1 18.72 13.48 -26.66
C ASN D 1 18.60 13.60 -25.15
N PRO D 2 17.70 12.80 -24.54
CA PRO D 2 17.73 12.62 -23.09
C PRO D 2 18.65 11.45 -22.72
N PRO D 3 19.16 11.43 -21.49
CA PRO D 3 20.00 10.31 -21.03
C PRO D 3 19.26 8.97 -21.06
N PRO D 4 19.80 7.99 -21.78
CA PRO D 4 19.22 6.64 -21.89
C PRO D 4 19.16 5.93 -20.53
N PRO D 5 18.31 4.89 -20.43
CA PRO D 5 18.18 4.08 -19.21
C PRO D 5 19.51 3.60 -18.66
N GLY D 6 19.59 3.57 -17.33
CA GLY D 6 20.79 3.16 -16.63
C GLY D 6 21.47 4.28 -15.88
N PHE D 7 22.80 4.32 -15.92
CA PHE D 7 23.54 5.40 -15.27
C PHE D 7 23.66 6.62 -16.16
N ILE D 8 23.70 7.80 -15.56
CA ILE D 8 23.83 9.05 -16.30
C ILE D 8 25.28 9.48 -16.41
N MET D 9 25.75 9.65 -17.64
CA MET D 9 27.12 10.11 -17.89
C MET D 9 27.08 11.13 -19.03
N HIS D 10 28.26 11.49 -19.52
CA HIS D 10 28.41 12.57 -20.50
C HIS D 10 27.32 12.53 -21.57
N GLY D 11 27.35 11.46 -22.37
CA GLY D 11 26.37 11.23 -23.41
C GLY D 11 26.53 9.82 -23.93
N ASN D 12 25.41 9.17 -24.26
CA ASN D 12 25.43 7.78 -24.71
C ASN D 12 26.27 7.59 -25.97
#